data_1A9Q
#
_entry.id   1A9Q
#
_cell.length_a   94.200
_cell.length_b   94.200
_cell.length_c   94.200
_cell.angle_alpha   90.00
_cell.angle_beta   90.00
_cell.angle_gamma   90.00
#
_symmetry.space_group_name_H-M   'P 21 3'
#
loop_
_entity.id
_entity.type
_entity.pdbx_description
1 polymer 'PURINE NUCLEOSIDE PHOSPHORYLASE'
2 non-polymer 'SULFATE ION'
3 non-polymer HYPOXANTHINE
4 water water
#
_entity_poly.entity_id   1
_entity_poly.type   'polypeptide(L)'
_entity_poly.pdbx_seq_one_letter_code
;MQNGYTYEDYQDTAKWLLSHTEQRPQVAVICGSGLGGLVNKLTQAQTFDYSEIPNFPESTVPGHAGRLVFGILNGRACVM
MQGRFHMYEGYPFWKVTFPVRVFRLLGVETLVVTNAAGGLNPNFEVGDIMLIRDHINLPGFSGENPLRGPNEERFGVRFP
AMSDAYDRDMRQKAHSTWKQMGEQRELQEGTYVMLGGPNFETVAECRLLRNLGADAVGMSTVPEVIVARHCGLRVFGFSL
ITNKVIMDTESQGKANHEEVLEAGKQAAQKLEQFVSLLMASI
;
_entity_poly.pdbx_strand_id   A
#
loop_
_chem_comp.id
_chem_comp.type
_chem_comp.name
_chem_comp.formula
HPA non-polymer HYPOXANTHINE 'C5 H4 N4 O'
SO4 non-polymer 'SULFATE ION' 'O4 S -2'
#
# COMPACT_ATOMS: atom_id res chain seq x y z
N MET A 1 18.30 -14.97 6.35
CA MET A 1 18.27 -13.94 5.28
C MET A 1 18.66 -12.59 5.86
N GLN A 2 19.31 -11.77 5.04
CA GLN A 2 19.74 -10.46 5.46
C GLN A 2 19.53 -9.48 4.33
N ASN A 3 19.09 -8.27 4.67
CA ASN A 3 18.86 -7.21 3.69
C ASN A 3 20.15 -6.95 2.91
N GLY A 4 20.02 -6.90 1.59
CA GLY A 4 21.18 -6.67 0.74
C GLY A 4 21.54 -5.21 0.54
N TYR A 5 20.76 -4.30 1.12
CA TYR A 5 21.03 -2.88 0.97
C TYR A 5 21.69 -2.28 2.21
N THR A 6 22.82 -1.61 2.02
CA THR A 6 23.50 -0.95 3.13
C THR A 6 22.83 0.40 3.29
N TYR A 7 22.94 1.00 4.46
CA TYR A 7 22.33 2.32 4.69
C TYR A 7 22.75 3.32 3.63
N GLU A 8 23.99 3.24 3.19
CA GLU A 8 24.54 4.14 2.17
C GLU A 8 23.84 4.01 0.82
N ASP A 9 23.36 2.81 0.52
CA ASP A 9 22.66 2.57 -0.73
C ASP A 9 21.41 3.42 -0.76
N TYR A 10 20.65 3.38 0.33
CA TYR A 10 19.40 4.14 0.44
C TYR A 10 19.68 5.64 0.28
N GLN A 11 20.69 6.08 1.01
CA GLN A 11 21.13 7.48 1.02
C GLN A 11 21.55 7.97 -0.36
N ASP A 12 22.25 7.12 -1.11
CA ASP A 12 22.70 7.48 -2.45
C ASP A 12 21.49 7.70 -3.36
N THR A 13 20.54 6.79 -3.30
CA THR A 13 19.33 6.89 -4.09
C THR A 13 18.59 8.17 -3.71
N ALA A 14 18.46 8.44 -2.41
CA ALA A 14 17.79 9.64 -1.92
C ALA A 14 18.50 10.91 -2.43
N LYS A 15 19.83 10.92 -2.37
CA LYS A 15 20.64 12.06 -2.82
C LYS A 15 20.50 12.30 -4.31
N TRP A 16 20.33 11.22 -5.08
CA TRP A 16 20.19 11.32 -6.52
C TRP A 16 18.85 11.98 -6.85
N LEU A 17 17.81 11.58 -6.14
CA LEU A 17 16.49 12.17 -6.37
C LEU A 17 16.48 13.67 -6.05
N LEU A 18 17.05 14.05 -4.91
CA LEU A 18 17.09 15.45 -4.50
C LEU A 18 17.84 16.33 -5.49
N SER A 19 18.85 15.77 -6.16
CA SER A 19 19.61 16.55 -7.12
C SER A 19 18.94 16.59 -8.51
N HIS A 20 17.85 15.85 -8.67
CA HIS A 20 17.15 15.83 -9.95
C HIS A 20 15.76 16.44 -9.95
N THR A 21 15.29 16.88 -8.79
CA THR A 21 13.99 17.51 -8.68
C THR A 21 14.05 18.58 -7.59
N GLU A 22 13.23 19.61 -7.71
CA GLU A 22 13.21 20.67 -6.70
C GLU A 22 12.10 20.39 -5.69
N GLN A 23 11.29 19.39 -6.00
CA GLN A 23 10.18 18.98 -5.14
C GLN A 23 10.72 18.38 -3.85
N ARG A 24 10.04 18.65 -2.74
CA ARG A 24 10.41 18.11 -1.45
C ARG A 24 9.11 17.65 -0.78
N PRO A 25 8.69 16.41 -1.05
CA PRO A 25 7.47 15.83 -0.50
C PRO A 25 7.49 15.56 1.01
N GLN A 26 6.31 15.60 1.63
CA GLN A 26 6.17 15.31 3.05
C GLN A 26 5.34 14.04 3.19
N VAL A 27 4.57 13.75 2.15
CA VAL A 27 3.70 12.59 2.10
C VAL A 27 4.13 11.70 0.93
N ALA A 28 4.09 10.38 1.11
CA ALA A 28 4.43 9.44 0.05
C ALA A 28 3.21 8.53 -0.12
N VAL A 29 2.78 8.30 -1.35
CA VAL A 29 1.62 7.45 -1.60
C VAL A 29 2.01 6.29 -2.49
N ILE A 30 1.66 5.08 -2.07
CA ILE A 30 1.92 3.87 -2.85
C ILE A 30 0.56 3.48 -3.42
N CYS A 31 0.39 3.74 -4.71
CA CYS A 31 -0.88 3.48 -5.38
C CYS A 31 -1.13 2.04 -5.78
N GLY A 32 -2.34 1.61 -5.47
CA GLY A 32 -2.80 0.29 -5.83
C GLY A 32 -4.17 0.56 -6.43
N SER A 33 -4.92 -0.51 -6.69
CA SER A 33 -6.27 -0.40 -7.25
C SER A 33 -6.44 0.63 -8.38
N GLY A 34 -7.60 1.28 -8.43
CA GLY A 34 -7.86 2.28 -9.45
C GLY A 34 -7.31 3.63 -9.06
N LEU A 35 -6.39 3.64 -8.11
CA LEU A 35 -5.78 4.88 -7.67
C LEU A 35 -4.62 5.23 -8.57
N GLY A 36 -4.30 4.33 -9.50
CA GLY A 36 -3.21 4.57 -10.43
C GLY A 36 -3.41 5.84 -11.25
N GLY A 37 -4.66 6.27 -11.38
CA GLY A 37 -4.97 7.47 -12.14
C GLY A 37 -4.73 8.74 -11.35
N LEU A 38 -4.48 8.60 -10.05
CA LEU A 38 -4.25 9.75 -9.17
C LEU A 38 -3.11 10.67 -9.65
N VAL A 39 -2.19 10.13 -10.45
CA VAL A 39 -1.07 10.92 -10.97
C VAL A 39 -1.57 12.04 -11.89
N ASN A 40 -2.75 11.84 -12.47
CA ASN A 40 -3.35 12.80 -13.39
C ASN A 40 -3.83 14.08 -12.71
N LYS A 41 -3.85 14.09 -11.39
CA LYS A 41 -4.31 15.27 -10.65
C LYS A 41 -3.21 16.00 -9.89
N LEU A 42 -1.95 15.70 -10.23
CA LEU A 42 -0.83 16.35 -9.58
C LEU A 42 -0.48 17.64 -10.30
N THR A 43 0.04 18.61 -9.56
CA THR A 43 0.43 19.87 -10.15
C THR A 43 1.94 19.86 -10.15
N GLN A 44 2.55 20.42 -11.19
CA GLN A 44 4.01 20.48 -11.30
C GLN A 44 4.63 19.09 -11.19
N ALA A 45 3.95 18.09 -11.73
CA ALA A 45 4.42 16.71 -11.68
C ALA A 45 5.73 16.50 -12.42
N GLN A 46 6.55 15.60 -11.90
CA GLN A 46 7.80 15.26 -12.52
C GLN A 46 7.91 13.75 -12.32
N THR A 47 8.10 13.05 -13.43
CA THR A 47 8.17 11.60 -13.42
C THR A 47 9.56 10.99 -13.58
N PHE A 48 9.77 9.91 -12.84
CA PHE A 48 11.01 9.15 -12.88
C PHE A 48 10.64 7.69 -13.08
N ASP A 49 11.20 7.07 -14.10
CA ASP A 49 10.93 5.68 -14.38
C ASP A 49 11.81 4.94 -13.38
N TYR A 50 11.29 3.88 -12.77
CA TYR A 50 12.05 3.11 -11.79
C TYR A 50 13.41 2.69 -12.30
N SER A 51 13.50 2.36 -13.59
CA SER A 51 14.76 1.92 -14.19
C SER A 51 15.86 2.97 -14.27
N GLU A 52 15.51 4.25 -14.16
CA GLU A 52 16.54 5.29 -14.24
C GLU A 52 17.03 5.76 -12.88
N ILE A 53 16.42 5.25 -11.82
CA ILE A 53 16.82 5.63 -10.47
C ILE A 53 17.76 4.56 -9.93
N PRO A 54 19.00 4.92 -9.58
CA PRO A 54 19.97 3.97 -9.04
C PRO A 54 19.42 3.17 -7.85
N ASN A 55 19.80 1.89 -7.80
CA ASN A 55 19.40 0.97 -6.73
C ASN A 55 17.92 0.57 -6.67
N PHE A 56 17.07 1.27 -7.40
CA PHE A 56 15.64 0.95 -7.41
C PHE A 56 15.39 -0.43 -8.03
N PRO A 57 14.57 -1.26 -7.37
CA PRO A 57 14.29 -2.59 -7.92
C PRO A 57 13.66 -2.49 -9.29
N GLU A 58 14.00 -3.43 -10.16
CA GLU A 58 13.47 -3.46 -11.51
C GLU A 58 11.94 -3.45 -11.48
N SER A 59 11.34 -2.82 -12.48
CA SER A 59 9.89 -2.76 -12.55
C SER A 59 9.32 -4.08 -13.06
N THR A 60 8.07 -4.37 -12.64
CA THR A 60 7.36 -5.57 -13.04
C THR A 60 5.87 -5.34 -12.81
N VAL A 61 5.48 -4.07 -12.88
CA VAL A 61 4.09 -3.66 -12.65
C VAL A 61 3.15 -3.87 -13.84
N PRO A 62 2.00 -4.49 -13.57
CA PRO A 62 0.98 -4.77 -14.57
C PRO A 62 0.02 -3.59 -14.69
N GLY A 63 -0.34 -3.24 -15.92
CA GLY A 63 -1.26 -2.13 -16.15
C GLY A 63 -0.55 -0.80 -15.98
N HIS A 64 -0.44 -0.35 -14.74
CA HIS A 64 0.23 0.91 -14.42
C HIS A 64 1.75 0.70 -14.38
N ALA A 65 2.43 1.36 -15.30
CA ALA A 65 3.88 1.27 -15.43
C ALA A 65 4.61 1.83 -14.20
N GLY A 66 5.75 1.22 -13.90
CA GLY A 66 6.56 1.61 -12.76
C GLY A 66 7.20 2.99 -12.88
N ARG A 67 6.55 3.98 -12.31
CA ARG A 67 7.03 5.36 -12.32
C ARG A 67 6.93 5.91 -10.90
N LEU A 68 7.83 6.82 -10.58
CA LEU A 68 7.84 7.49 -9.28
C LEU A 68 7.46 8.91 -9.69
N VAL A 69 6.35 9.40 -9.19
CA VAL A 69 5.92 10.75 -9.57
C VAL A 69 5.89 11.74 -8.41
N PHE A 70 6.51 12.89 -8.60
CA PHE A 70 6.52 13.95 -7.59
C PHE A 70 5.49 15.00 -8.03
N GLY A 71 4.84 15.65 -7.09
CA GLY A 71 3.88 16.67 -7.46
C GLY A 71 3.10 17.20 -6.29
N ILE A 72 2.24 18.16 -6.57
CA ILE A 72 1.41 18.78 -5.55
C ILE A 72 -0.01 18.27 -5.75
N LEU A 73 -0.59 17.69 -4.70
CA LEU A 73 -1.94 17.16 -4.76
C LEU A 73 -2.76 17.91 -3.73
N ASN A 74 -3.76 18.66 -4.19
CA ASN A 74 -4.64 19.43 -3.31
C ASN A 74 -3.84 20.26 -2.31
N GLY A 75 -2.85 20.99 -2.83
CA GLY A 75 -2.01 21.85 -2.01
C GLY A 75 -0.89 21.22 -1.21
N ARG A 76 -0.76 19.90 -1.27
CA ARG A 76 0.29 19.23 -0.52
C ARG A 76 1.33 18.63 -1.46
N ALA A 77 2.60 18.71 -1.08
CA ALA A 77 3.67 18.16 -1.90
C ALA A 77 3.83 16.68 -1.56
N CYS A 78 3.77 15.82 -2.58
CA CYS A 78 3.91 14.39 -2.33
C CYS A 78 4.62 13.65 -3.46
N VAL A 79 4.97 12.40 -3.20
CA VAL A 79 5.63 11.55 -4.18
C VAL A 79 4.81 10.27 -4.22
N MET A 80 4.53 9.76 -5.42
CA MET A 80 3.72 8.56 -5.55
C MET A 80 4.37 7.44 -6.33
N MET A 81 4.12 6.22 -5.90
CA MET A 81 4.62 5.04 -6.56
C MET A 81 3.53 4.51 -7.47
N GLN A 82 3.73 4.61 -8.77
CA GLN A 82 2.75 4.08 -9.71
C GLN A 82 3.21 2.65 -10.02
N GLY A 83 2.70 1.71 -9.23
CA GLY A 83 3.08 0.31 -9.39
C GLY A 83 4.05 -0.06 -8.28
N ARG A 84 3.82 -1.18 -7.60
CA ARG A 84 4.69 -1.60 -6.53
C ARG A 84 5.24 -2.98 -6.85
N PHE A 85 6.03 -3.53 -5.95
CA PHE A 85 6.64 -4.85 -6.11
C PHE A 85 5.92 -5.85 -5.21
N HIS A 86 5.87 -7.11 -5.64
CA HIS A 86 5.20 -8.15 -4.87
C HIS A 86 6.12 -9.34 -4.72
N MET A 87 6.02 -10.03 -3.59
CA MET A 87 6.81 -11.21 -3.33
C MET A 87 6.58 -12.26 -4.42
N TYR A 88 5.35 -12.38 -4.89
CA TYR A 88 5.03 -13.37 -5.91
C TYR A 88 5.77 -13.18 -7.24
N GLU A 89 6.44 -12.06 -7.43
CA GLU A 89 7.19 -11.83 -8.67
C GLU A 89 8.60 -12.37 -8.51
N GLY A 90 8.96 -12.72 -7.29
CA GLY A 90 10.29 -13.24 -7.02
C GLY A 90 11.14 -12.37 -6.12
N TYR A 91 10.67 -11.15 -5.85
CA TYR A 91 11.40 -10.20 -5.01
C TYR A 91 11.42 -10.55 -3.52
N PRO A 92 12.59 -10.38 -2.89
CA PRO A 92 12.74 -10.66 -1.46
C PRO A 92 12.05 -9.44 -0.82
N PHE A 93 11.67 -9.53 0.45
CA PHE A 93 11.01 -8.39 1.08
C PHE A 93 11.87 -7.15 1.20
N TRP A 94 13.19 -7.32 1.19
CA TRP A 94 14.09 -6.17 1.29
C TRP A 94 14.19 -5.37 -0.01
N LYS A 95 13.72 -5.95 -1.11
CA LYS A 95 13.70 -5.25 -2.39
C LYS A 95 12.36 -4.57 -2.49
N VAL A 96 11.33 -5.30 -2.07
CA VAL A 96 9.96 -4.80 -2.08
C VAL A 96 9.84 -3.48 -1.31
N THR A 97 10.44 -3.46 -0.13
CA THR A 97 10.36 -2.31 0.76
C THR A 97 11.43 -1.23 0.59
N PHE A 98 12.33 -1.41 -0.36
CA PHE A 98 13.41 -0.44 -0.61
C PHE A 98 12.92 1.02 -0.71
N PRO A 99 11.85 1.28 -1.48
CA PRO A 99 11.34 2.66 -1.61
C PRO A 99 10.94 3.33 -0.31
N VAL A 100 10.35 2.58 0.61
CA VAL A 100 9.91 3.13 1.89
C VAL A 100 11.04 3.81 2.67
N ARG A 101 12.21 3.19 2.68
CA ARG A 101 13.35 3.78 3.39
C ARG A 101 13.91 4.98 2.67
N VAL A 102 13.82 4.98 1.35
CA VAL A 102 14.32 6.12 0.56
C VAL A 102 13.42 7.33 0.86
N PHE A 103 12.12 7.07 0.96
CA PHE A 103 11.13 8.11 1.25
C PHE A 103 11.46 8.79 2.57
N ARG A 104 11.82 7.97 3.55
CA ARG A 104 12.18 8.48 4.87
C ARG A 104 13.35 9.45 4.76
N LEU A 105 14.37 9.07 4.01
CA LEU A 105 15.57 9.88 3.83
C LEU A 105 15.36 11.14 2.99
N LEU A 106 14.21 11.26 2.33
CA LEU A 106 13.91 12.44 1.52
C LEU A 106 13.24 13.49 2.40
N GLY A 107 12.83 13.10 3.60
CA GLY A 107 12.18 14.03 4.50
C GLY A 107 10.70 13.72 4.69
N VAL A 108 10.23 12.65 4.04
CA VAL A 108 8.84 12.22 4.11
C VAL A 108 8.47 11.80 5.55
N GLU A 109 7.27 12.16 5.98
CA GLU A 109 6.84 11.82 7.32
C GLU A 109 5.59 10.97 7.34
N THR A 110 4.81 11.01 6.26
CA THR A 110 3.57 10.25 6.19
C THR A 110 3.48 9.39 4.95
N LEU A 111 2.99 8.16 5.13
CA LEU A 111 2.85 7.22 4.04
C LEU A 111 1.43 6.71 3.95
N VAL A 112 0.87 6.77 2.76
CA VAL A 112 -0.48 6.30 2.52
C VAL A 112 -0.35 5.09 1.62
N VAL A 113 -0.86 3.95 2.08
CA VAL A 113 -0.82 2.72 1.28
C VAL A 113 -2.24 2.33 0.84
N THR A 114 -2.39 1.92 -0.42
CA THR A 114 -3.69 1.51 -0.93
C THR A 114 -3.50 0.20 -1.69
N ASN A 115 -4.55 -0.60 -1.78
CA ASN A 115 -4.47 -1.87 -2.50
C ASN A 115 -5.84 -2.34 -2.88
N ALA A 116 -5.89 -3.43 -3.63
CA ALA A 116 -7.13 -4.06 -4.04
C ALA A 116 -7.20 -5.26 -3.11
N ALA A 117 -8.39 -5.70 -2.76
CA ALA A 117 -8.49 -6.83 -1.84
C ALA A 117 -9.76 -7.60 -2.08
N GLY A 118 -9.75 -8.86 -1.64
CA GLY A 118 -10.92 -9.70 -1.78
C GLY A 118 -11.68 -9.54 -0.48
N GLY A 119 -13.00 -9.48 -0.55
CA GLY A 119 -13.78 -9.33 0.65
C GLY A 119 -14.09 -10.65 1.32
N LEU A 120 -13.73 -10.75 2.60
CA LEU A 120 -14.00 -11.94 3.39
C LEU A 120 -15.22 -11.64 4.26
N ASN A 121 -15.29 -10.41 4.77
CA ASN A 121 -16.41 -9.97 5.60
C ASN A 121 -17.68 -9.96 4.74
N PRO A 122 -18.68 -10.76 5.13
CA PRO A 122 -19.97 -10.89 4.44
C PRO A 122 -20.74 -9.60 4.19
N ASN A 123 -20.40 -8.53 4.92
CA ASN A 123 -21.08 -7.25 4.76
C ASN A 123 -20.47 -6.34 3.70
N PHE A 124 -19.34 -6.73 3.15
CA PHE A 124 -18.68 -5.91 2.14
C PHE A 124 -19.27 -6.20 0.77
N GLU A 125 -19.41 -5.15 -0.03
CA GLU A 125 -19.93 -5.29 -1.39
C GLU A 125 -18.82 -4.81 -2.30
N VAL A 126 -18.84 -5.24 -3.55
CA VAL A 126 -17.83 -4.82 -4.50
C VAL A 126 -17.91 -3.29 -4.57
N GLY A 127 -16.76 -2.64 -4.61
CA GLY A 127 -16.75 -1.18 -4.67
C GLY A 127 -16.50 -0.57 -3.30
N ASP A 128 -16.67 -1.36 -2.25
CA ASP A 128 -16.45 -0.87 -0.90
C ASP A 128 -15.00 -0.47 -0.67
N ILE A 129 -14.82 0.51 0.20
CA ILE A 129 -13.51 1.01 0.60
C ILE A 129 -13.38 0.68 2.07
N MET A 130 -12.34 -0.06 2.43
CA MET A 130 -12.13 -0.47 3.81
C MET A 130 -10.87 0.14 4.36
N LEU A 131 -11.02 0.99 5.39
CA LEU A 131 -9.85 1.56 6.05
C LEU A 131 -9.15 0.39 6.72
N ILE A 132 -7.84 0.36 6.67
CA ILE A 132 -7.09 -0.72 7.30
C ILE A 132 -6.83 -0.33 8.74
N ARG A 133 -7.47 -1.03 9.67
CA ARG A 133 -7.32 -0.77 11.08
C ARG A 133 -6.22 -1.62 11.70
N ASP A 134 -6.01 -2.80 11.16
CA ASP A 134 -5.02 -3.74 11.68
C ASP A 134 -4.70 -4.72 10.56
N HIS A 135 -3.68 -5.55 10.75
CA HIS A 135 -3.30 -6.54 9.75
C HIS A 135 -2.84 -7.85 10.38
N ILE A 136 -2.85 -8.92 9.58
CA ILE A 136 -2.39 -10.23 10.01
C ILE A 136 -1.32 -10.56 8.97
N ASN A 137 -0.11 -10.80 9.44
CA ASN A 137 1.01 -11.07 8.54
C ASN A 137 1.38 -12.55 8.50
N LEU A 138 0.77 -13.31 7.61
CA LEU A 138 1.07 -14.74 7.50
C LEU A 138 2.54 -15.01 7.14
N PRO A 139 3.08 -14.33 6.11
CA PRO A 139 4.49 -14.59 5.78
C PRO A 139 5.38 -14.31 6.99
N GLY A 140 5.01 -13.32 7.80
CA GLY A 140 5.78 -12.98 8.98
C GLY A 140 5.85 -14.13 9.98
N PHE A 141 4.78 -14.91 10.08
CA PHE A 141 4.75 -16.04 11.02
C PHE A 141 5.89 -17.04 10.79
N SER A 142 6.27 -17.23 9.52
CA SER A 142 7.32 -18.18 9.14
C SER A 142 8.71 -17.57 9.10
N GLY A 143 8.81 -16.28 9.39
CA GLY A 143 10.12 -15.65 9.35
C GLY A 143 10.34 -14.77 8.14
N GLU A 144 9.45 -14.85 7.14
CA GLU A 144 9.58 -14.00 5.95
C GLU A 144 9.25 -12.58 6.39
N ASN A 145 10.29 -11.79 6.63
CA ASN A 145 10.12 -10.44 7.16
C ASN A 145 11.17 -9.49 6.59
N PRO A 146 10.76 -8.28 6.13
CA PRO A 146 11.72 -7.32 5.57
C PRO A 146 12.80 -6.84 6.55
N LEU A 147 12.60 -7.09 7.85
CA LEU A 147 13.55 -6.68 8.88
C LEU A 147 14.49 -7.81 9.28
N ARG A 148 14.29 -8.99 8.70
CA ARG A 148 15.14 -10.13 9.02
C ARG A 148 16.62 -9.85 8.72
N GLY A 149 17.48 -10.23 9.66
CA GLY A 149 18.90 -9.99 9.48
C GLY A 149 19.32 -8.92 10.45
N PRO A 150 20.59 -8.48 10.43
CA PRO A 150 21.05 -7.44 11.35
C PRO A 150 20.24 -6.14 11.26
N ASN A 151 19.92 -5.56 12.41
CA ASN A 151 19.15 -4.31 12.47
C ASN A 151 19.99 -3.07 12.20
N GLU A 152 19.47 -2.16 11.38
CA GLU A 152 20.16 -0.91 11.08
C GLU A 152 19.62 0.13 12.04
N GLU A 153 20.40 0.41 13.08
CA GLU A 153 20.02 1.36 14.12
C GLU A 153 19.69 2.76 13.62
N ARG A 154 20.24 3.14 12.48
CA ARG A 154 19.98 4.45 11.91
C ARG A 154 18.56 4.57 11.37
N PHE A 155 17.86 3.44 11.27
CA PHE A 155 16.49 3.43 10.79
C PHE A 155 15.51 3.20 11.94
N GLY A 156 15.87 2.33 12.88
CA GLY A 156 14.97 2.07 13.99
C GLY A 156 15.50 1.00 14.92
N VAL A 157 14.64 0.56 15.83
CA VAL A 157 15.01 -0.45 16.82
C VAL A 157 14.90 -1.90 16.35
N ARG A 158 15.53 -2.80 17.11
CA ARG A 158 15.53 -4.23 16.82
C ARG A 158 14.13 -4.86 16.90
N PHE A 159 13.38 -4.51 17.94
CA PHE A 159 12.03 -5.07 18.13
C PHE A 159 10.93 -4.01 18.11
N PRO A 160 10.54 -3.52 16.92
CA PRO A 160 9.49 -2.50 16.86
C PRO A 160 8.10 -3.10 17.10
N ALA A 161 7.24 -2.34 17.78
CA ALA A 161 5.87 -2.78 18.04
C ALA A 161 5.00 -2.47 16.82
N MET A 162 3.95 -3.25 16.60
CA MET A 162 3.06 -3.03 15.46
C MET A 162 1.60 -2.87 15.84
N SER A 163 1.29 -2.96 17.14
CA SER A 163 -0.09 -2.82 17.60
C SER A 163 -0.70 -1.43 17.32
N ASP A 164 0.14 -0.45 17.05
CA ASP A 164 -0.31 0.92 16.76
C ASP A 164 0.13 1.38 15.36
N ALA A 165 0.31 0.42 14.46
CA ALA A 165 0.78 0.70 13.10
C ALA A 165 -0.08 1.65 12.26
N TYR A 166 -1.40 1.50 12.37
CA TYR A 166 -2.29 2.33 11.59
C TYR A 166 -2.75 3.52 12.41
N ASP A 167 -2.26 4.69 12.05
CA ASP A 167 -2.57 5.92 12.76
C ASP A 167 -4.05 6.12 13.07
N ARG A 168 -4.32 6.37 14.35
CA ARG A 168 -5.66 6.56 14.87
C ARG A 168 -6.30 7.86 14.38
N ASP A 169 -5.56 8.95 14.51
CA ASP A 169 -6.06 10.25 14.09
C ASP A 169 -6.35 10.29 12.59
N MET A 170 -5.54 9.56 11.82
CA MET A 170 -5.71 9.50 10.37
C MET A 170 -7.04 8.85 10.04
N ARG A 171 -7.34 7.75 10.71
CA ARG A 171 -8.60 7.05 10.47
C ARG A 171 -9.81 7.87 10.92
N GLN A 172 -9.61 8.75 11.90
CA GLN A 172 -10.69 9.61 12.38
C GLN A 172 -10.99 10.62 11.27
N LYS A 173 -9.93 11.24 10.76
CA LYS A 173 -10.04 12.22 9.68
C LYS A 173 -10.71 11.59 8.46
N ALA A 174 -10.34 10.36 8.16
CA ALA A 174 -10.88 9.65 7.01
C ALA A 174 -12.40 9.50 7.11
N HIS A 175 -12.89 9.25 8.31
CA HIS A 175 -14.33 9.09 8.51
C HIS A 175 -15.07 10.41 8.32
N SER A 176 -14.51 11.51 8.82
CA SER A 176 -15.11 12.84 8.67
C SER A 176 -15.17 13.24 7.20
N THR A 177 -14.06 13.04 6.50
CA THR A 177 -13.96 13.38 5.08
C THR A 177 -15.00 12.61 4.25
N TRP A 178 -15.17 11.32 4.55
CA TRP A 178 -16.12 10.48 3.85
C TRP A 178 -17.54 11.03 4.05
N LYS A 179 -17.85 11.46 5.27
CA LYS A 179 -19.17 12.02 5.58
C LYS A 179 -19.38 13.28 4.76
N GLN A 180 -18.34 14.10 4.70
CA GLN A 180 -18.41 15.35 3.96
C GLN A 180 -18.57 15.15 2.45
N MET A 181 -18.31 13.93 1.98
CA MET A 181 -18.45 13.63 0.56
C MET A 181 -19.88 13.24 0.19
N GLY A 182 -20.72 13.07 1.21
CA GLY A 182 -22.10 12.71 0.97
C GLY A 182 -22.25 11.38 0.25
N GLU A 183 -21.51 10.36 0.70
CA GLU A 183 -21.58 9.03 0.10
C GLU A 183 -22.71 8.25 0.76
N GLN A 184 -23.44 7.49 -0.05
CA GLN A 184 -24.54 6.68 0.47
C GLN A 184 -24.03 5.43 1.17
N ARG A 185 -22.97 4.85 0.62
CA ARG A 185 -22.38 3.66 1.22
C ARG A 185 -21.44 4.13 2.33
N GLU A 186 -21.41 3.39 3.43
CA GLU A 186 -20.55 3.78 4.53
C GLU A 186 -19.11 3.33 4.35
N LEU A 187 -18.19 4.06 4.96
CA LEU A 187 -16.77 3.74 4.89
C LEU A 187 -16.53 2.55 5.80
N GLN A 188 -16.04 1.45 5.24
CA GLN A 188 -15.75 0.25 6.01
C GLN A 188 -14.42 0.41 6.73
N GLU A 189 -14.16 -0.50 7.66
CA GLU A 189 -12.91 -0.50 8.43
C GLU A 189 -12.67 -1.91 8.95
N GLY A 190 -11.44 -2.40 8.80
CA GLY A 190 -11.14 -3.74 9.27
C GLY A 190 -9.72 -4.25 9.18
N THR A 191 -9.59 -5.56 9.39
CA THR A 191 -8.33 -6.27 9.38
C THR A 191 -8.00 -6.85 8.02
N TYR A 192 -6.85 -6.47 7.51
CA TYR A 192 -6.37 -6.96 6.23
C TYR A 192 -5.39 -8.10 6.52
N VAL A 193 -5.46 -9.17 5.75
CA VAL A 193 -4.56 -10.30 5.91
C VAL A 193 -3.79 -10.49 4.61
N MET A 194 -2.49 -10.62 4.72
CA MET A 194 -1.68 -10.80 3.53
C MET A 194 -1.15 -12.24 3.44
N LEU A 195 -1.14 -12.77 2.23
CA LEU A 195 -0.59 -14.08 1.96
C LEU A 195 0.24 -13.90 0.69
N GLY A 196 1.09 -14.86 0.35
CA GLY A 196 1.95 -14.73 -0.82
C GLY A 196 1.46 -14.66 -2.26
N GLY A 197 0.50 -15.50 -2.63
CA GLY A 197 0.00 -15.52 -3.99
C GLY A 197 0.94 -16.33 -4.89
N PRO A 198 0.83 -16.20 -6.23
CA PRO A 198 -0.09 -15.34 -6.97
C PRO A 198 -1.47 -15.95 -7.25
N ASN A 199 -1.66 -17.21 -6.89
CA ASN A 199 -2.93 -17.87 -7.13
C ASN A 199 -3.97 -17.36 -6.15
N PHE A 200 -5.24 -17.47 -6.53
CA PHE A 200 -6.34 -17.06 -5.67
C PHE A 200 -6.68 -18.22 -4.70
N GLU A 201 -7.30 -17.87 -3.57
CA GLU A 201 -7.63 -18.84 -2.53
C GLU A 201 -8.69 -19.86 -2.86
N THR A 202 -8.70 -20.96 -2.12
CA THR A 202 -9.68 -22.02 -2.32
C THR A 202 -10.78 -21.70 -1.31
N VAL A 203 -11.92 -22.35 -1.43
CA VAL A 203 -13.01 -22.14 -0.49
C VAL A 203 -12.57 -22.44 0.95
N ALA A 204 -11.86 -23.55 1.14
CA ALA A 204 -11.40 -23.92 2.48
C ALA A 204 -10.47 -22.89 3.09
N GLU A 205 -9.59 -22.31 2.28
CA GLU A 205 -8.65 -21.31 2.76
C GLU A 205 -9.36 -20.02 3.16
N CYS A 206 -10.38 -19.65 2.39
CA CYS A 206 -11.15 -18.44 2.65
C CYS A 206 -11.95 -18.53 3.95
N ARG A 207 -12.44 -19.73 4.24
CA ARG A 207 -13.21 -19.95 5.46
C ARG A 207 -12.31 -19.84 6.68
N LEU A 208 -11.09 -20.34 6.61
CA LEU A 208 -10.20 -20.23 7.77
C LEU A 208 -9.70 -18.81 7.93
N LEU A 209 -9.45 -18.11 6.82
CA LEU A 209 -9.00 -16.73 6.84
C LEU A 209 -10.04 -15.88 7.57
N ARG A 210 -11.30 -16.11 7.25
CA ARG A 210 -12.41 -15.40 7.89
C ARG A 210 -12.53 -15.79 9.37
N ASN A 211 -12.38 -17.07 9.66
CA ASN A 211 -12.45 -17.57 11.04
C ASN A 211 -11.31 -16.99 11.88
N LEU A 212 -10.17 -16.69 11.24
CA LEU A 212 -9.04 -16.10 11.94
C LEU A 212 -9.30 -14.62 12.23
N GLY A 213 -10.43 -14.11 11.77
CA GLY A 213 -10.77 -12.72 12.02
C GLY A 213 -10.46 -11.71 10.93
N ALA A 214 -9.99 -12.15 9.77
CA ALA A 214 -9.68 -11.22 8.72
C ALA A 214 -10.93 -10.77 7.98
N ASP A 215 -10.90 -9.52 7.50
CA ASP A 215 -12.02 -8.95 6.76
C ASP A 215 -11.72 -8.92 5.27
N ALA A 216 -10.46 -8.70 4.92
CA ALA A 216 -10.04 -8.62 3.52
C ALA A 216 -8.71 -9.34 3.32
N VAL A 217 -8.51 -9.89 2.13
CA VAL A 217 -7.30 -10.63 1.81
C VAL A 217 -6.59 -10.02 0.61
N GLY A 218 -5.26 -10.00 0.65
CA GLY A 218 -4.48 -9.45 -0.44
C GLY A 218 -3.07 -10.00 -0.46
N MET A 219 -2.29 -9.58 -1.46
CA MET A 219 -0.93 -10.07 -1.60
C MET A 219 0.14 -8.99 -1.48
N SER A 220 -0.13 -7.95 -0.69
CA SER A 220 0.85 -6.87 -0.55
C SER A 220 0.59 -5.98 0.67
N THR A 221 1.23 -4.81 0.65
CA THR A 221 1.09 -3.78 1.67
C THR A 221 1.70 -4.01 3.05
N VAL A 222 1.49 -5.17 3.65
CA VAL A 222 2.03 -5.45 4.98
C VAL A 222 3.55 -5.25 5.14
N PRO A 223 4.39 -5.77 4.22
CA PRO A 223 5.83 -5.54 4.42
C PRO A 223 6.21 -4.06 4.40
N GLU A 224 5.48 -3.28 3.61
CA GLU A 224 5.74 -1.85 3.50
C GLU A 224 5.36 -1.11 4.80
N VAL A 225 4.27 -1.55 5.42
CA VAL A 225 3.80 -0.96 6.68
C VAL A 225 4.77 -1.25 7.81
N ILE A 226 5.33 -2.46 7.81
CA ILE A 226 6.28 -2.87 8.83
C ILE A 226 7.55 -2.03 8.76
N VAL A 227 8.12 -1.91 7.57
CA VAL A 227 9.34 -1.11 7.38
C VAL A 227 9.09 0.39 7.66
N ALA A 228 7.91 0.88 7.28
CA ALA A 228 7.55 2.28 7.48
C ALA A 228 7.48 2.59 8.98
N ARG A 229 6.80 1.73 9.72
CA ARG A 229 6.67 1.91 11.16
C ARG A 229 8.01 1.77 11.84
N HIS A 230 8.89 0.93 11.27
CA HIS A 230 10.22 0.72 11.84
C HIS A 230 11.04 2.00 11.84
N CYS A 231 10.95 2.77 10.76
CA CYS A 231 11.72 4.00 10.64
C CYS A 231 10.97 5.26 11.08
N GLY A 232 9.80 5.09 11.68
CA GLY A 232 9.07 6.23 12.19
C GLY A 232 8.07 6.96 11.33
N LEU A 233 7.61 6.33 10.25
CA LEU A 233 6.64 6.96 9.36
C LEU A 233 5.22 6.78 9.88
N ARG A 234 4.42 7.83 9.80
CA ARG A 234 3.02 7.77 10.21
C ARG A 234 2.36 7.04 9.04
N VAL A 235 1.64 5.95 9.31
CA VAL A 235 1.01 5.17 8.25
C VAL A 235 -0.53 5.19 8.24
N PHE A 236 -1.08 5.30 7.03
CA PHE A 236 -2.51 5.28 6.80
C PHE A 236 -2.72 4.48 5.52
N GLY A 237 -3.75 3.65 5.50
CA GLY A 237 -4.03 2.86 4.31
C GLY A 237 -5.46 2.36 4.19
N PHE A 238 -5.81 1.88 3.00
CA PHE A 238 -7.13 1.32 2.74
C PHE A 238 -7.15 0.37 1.55
N SER A 239 -8.12 -0.54 1.55
CA SER A 239 -8.26 -1.52 0.50
C SER A 239 -9.52 -1.25 -0.30
N LEU A 240 -9.43 -1.44 -1.62
CA LEU A 240 -10.59 -1.30 -2.47
C LEU A 240 -11.08 -2.74 -2.60
N ILE A 241 -12.28 -3.01 -2.11
CA ILE A 241 -12.85 -4.36 -2.19
C ILE A 241 -13.24 -4.58 -3.64
N THR A 242 -12.38 -5.28 -4.36
CA THR A 242 -12.58 -5.54 -5.79
C THR A 242 -13.45 -6.74 -6.14
N ASN A 243 -13.72 -7.59 -5.16
CA ASN A 243 -14.52 -8.78 -5.38
C ASN A 243 -14.81 -9.43 -4.06
N LYS A 244 -15.84 -10.25 -4.03
CA LYS A 244 -16.22 -11.00 -2.84
C LYS A 244 -15.74 -12.42 -3.08
N VAL A 245 -15.02 -12.99 -2.10
CA VAL A 245 -14.48 -14.33 -2.24
C VAL A 245 -15.51 -15.47 -2.20
N ILE A 246 -15.31 -16.47 -3.06
CA ILE A 246 -16.17 -17.64 -3.15
C ILE A 246 -15.98 -18.47 -1.87
N MET A 247 -17.04 -18.62 -1.07
CA MET A 247 -16.92 -19.39 0.15
C MET A 247 -17.84 -20.60 0.31
N ASP A 248 -18.37 -21.08 -0.81
CA ASP A 248 -19.25 -22.25 -0.80
C ASP A 248 -18.89 -23.08 -2.03
N THR A 249 -18.91 -24.40 -1.88
CA THR A 249 -18.56 -25.31 -2.96
C THR A 249 -19.46 -25.18 -4.20
N GLU A 250 -20.64 -24.59 -4.04
CA GLU A 250 -21.53 -24.36 -5.17
C GLU A 250 -21.09 -23.02 -5.77
N SER A 251 -19.80 -22.94 -6.07
CA SER A 251 -19.16 -21.76 -6.62
C SER A 251 -19.93 -21.20 -7.80
N GLN A 252 -20.44 -19.99 -7.64
CA GLN A 252 -21.19 -19.32 -8.69
C GLN A 252 -20.21 -19.03 -9.84
N GLY A 253 -18.92 -19.10 -9.51
CA GLY A 253 -17.86 -18.87 -10.47
C GLY A 253 -16.53 -18.90 -9.73
N LYS A 254 -15.60 -18.05 -10.15
CA LYS A 254 -14.30 -17.99 -9.50
C LYS A 254 -13.60 -16.65 -9.75
N ALA A 255 -12.95 -16.14 -8.72
CA ALA A 255 -12.21 -14.89 -8.79
C ALA A 255 -11.29 -14.89 -10.00
N ASN A 256 -11.32 -13.79 -10.75
CA ASN A 256 -10.51 -13.63 -11.93
C ASN A 256 -9.93 -12.21 -11.95
N HIS A 257 -8.78 -12.08 -12.60
CA HIS A 257 -8.08 -10.81 -12.68
C HIS A 257 -8.82 -9.69 -13.42
N GLU A 258 -9.60 -10.04 -14.44
CA GLU A 258 -10.33 -9.02 -15.19
C GLU A 258 -11.38 -8.37 -14.28
N GLU A 259 -11.98 -9.19 -13.41
CA GLU A 259 -12.98 -8.73 -12.47
C GLU A 259 -12.39 -7.63 -11.59
N VAL A 260 -11.22 -7.90 -11.01
CA VAL A 260 -10.59 -6.92 -10.13
C VAL A 260 -10.18 -5.66 -10.87
N LEU A 261 -9.76 -5.79 -12.13
CA LEU A 261 -9.34 -4.64 -12.91
C LEU A 261 -10.53 -3.72 -13.18
N GLU A 262 -11.66 -4.34 -13.50
CA GLU A 262 -12.88 -3.60 -13.76
C GLU A 262 -13.30 -2.78 -12.55
N ALA A 263 -13.24 -3.39 -11.37
CA ALA A 263 -13.60 -2.73 -10.13
C ALA A 263 -12.70 -1.52 -9.91
N GLY A 264 -11.39 -1.72 -10.09
CA GLY A 264 -10.45 -0.63 -9.91
C GLY A 264 -10.79 0.52 -10.83
N LYS A 265 -11.29 0.19 -12.01
CA LYS A 265 -11.66 1.19 -13.01
C LYS A 265 -12.92 1.95 -12.61
N GLN A 266 -13.96 1.22 -12.19
CA GLN A 266 -15.23 1.80 -11.80
C GLN A 266 -15.21 2.69 -10.55
N ALA A 267 -14.27 2.44 -9.64
CA ALA A 267 -14.18 3.23 -8.41
C ALA A 267 -13.08 4.30 -8.42
N ALA A 268 -12.30 4.31 -9.49
CA ALA A 268 -11.19 5.25 -9.65
C ALA A 268 -11.48 6.70 -9.23
N GLN A 269 -12.53 7.28 -9.81
CA GLN A 269 -12.92 8.67 -9.51
C GLN A 269 -13.21 8.92 -8.03
N LYS A 270 -13.86 7.96 -7.39
CA LYS A 270 -14.23 8.05 -5.98
C LYS A 270 -13.01 7.98 -5.08
N LEU A 271 -12.07 7.11 -5.42
CA LEU A 271 -10.82 6.94 -4.65
C LEU A 271 -9.95 8.18 -4.77
N GLU A 272 -9.85 8.72 -5.99
CA GLU A 272 -9.04 9.90 -6.26
C GLU A 272 -9.48 11.14 -5.49
N GLN A 273 -10.77 11.47 -5.54
CA GLN A 273 -11.25 12.64 -4.80
C GLN A 273 -11.13 12.43 -3.30
N PHE A 274 -11.25 11.19 -2.87
CA PHE A 274 -11.13 10.86 -1.45
C PHE A 274 -9.70 11.12 -0.97
N VAL A 275 -8.71 10.57 -1.68
CA VAL A 275 -7.30 10.77 -1.31
C VAL A 275 -6.93 12.24 -1.44
N SER A 276 -7.50 12.92 -2.43
CA SER A 276 -7.22 14.33 -2.62
C SER A 276 -7.70 15.16 -1.43
N LEU A 277 -8.90 14.85 -0.95
CA LEU A 277 -9.45 15.57 0.19
C LEU A 277 -8.67 15.29 1.46
N LEU A 278 -8.21 14.06 1.60
CA LEU A 278 -7.42 13.66 2.78
C LEU A 278 -6.11 14.43 2.90
N MET A 279 -5.53 14.81 1.76
CA MET A 279 -4.28 15.57 1.76
C MET A 279 -4.42 16.83 2.61
N ALA A 280 -5.59 17.47 2.51
CA ALA A 280 -5.85 18.69 3.26
C ALA A 280 -5.92 18.50 4.77
N SER A 281 -5.98 17.24 5.23
CA SER A 281 -6.08 17.00 6.66
C SER A 281 -4.91 16.25 7.28
N ILE A 282 -3.86 15.98 6.50
CA ILE A 282 -2.69 15.27 7.00
C ILE A 282 -1.83 16.12 7.94
S SO4 B . -2.10 -4.24 -5.04
O1 SO4 B . -3.32 -3.28 -5.31
O2 SO4 B . -2.30 -5.46 -6.03
O3 SO4 B . -0.77 -3.45 -5.43
O4 SO4 B . -2.14 -4.92 -3.63
N1 HPA C . -7.59 -12.84 -3.14
C2 HPA C . -6.30 -12.47 -2.97
N3 HPA C . -5.85 -11.29 -3.34
C4 HPA C . -6.80 -10.54 -3.91
C5 HPA C . -8.11 -10.87 -4.12
C6 HPA C . -8.60 -12.12 -3.72
O6 HPA C . -9.72 -12.61 -3.80
N7 HPA C . -8.72 -9.80 -4.72
C8 HPA C . -7.80 -8.83 -4.87
N9 HPA C . -6.59 -9.26 -4.38
#